data_9SDI
#
_entry.id   9SDI
#
_cell.length_a   45.431
_cell.length_b   50.336
_cell.length_c   66.634
_cell.angle_alpha   98.990
_cell.angle_beta   101.280
_cell.angle_gamma   95.120
#
_symmetry.space_group_name_H-M   'P 1'
#
loop_
_entity.id
_entity.type
_entity.pdbx_description
1 polymer 'Focal adhesion kinase 1'
2 non-polymer 'SULFATE ION'
3 non-polymer '6-(1~{H}-pyrazol-4-yl)pyridine-3-carboxylic acid'
4 water water
#
_entity_poly.entity_id   1
_entity_poly.type   'polypeptide(L)'
_entity_poly.pdbx_seq_one_letter_code
;PSTRDYEIQRERIELGRCIGEGQFGDVHQGIYMSPENPALAVAIKTCKNCTSDSVREKFLQEALTMRQFDHPHIVKLIGV
ITENPVWIIMELCTLGELRSFLQVRKYSLDLASLILYAYQLSTALAYLESKRFVHRDIAARNVLVSSNDCVKLGDFGLSR
YMEDSTYYKASKGKLPIKWMAPESINFRRFTSASDVWMFGVCMWEILMHGVKPFQGVKNNDVIGRIENGERLPMPPNCPP
TLYSLMTKCWAYDPSRRPRFTELKAQLSTILEEEKAQ
;
_entity_poly.pdbx_strand_id   A,B
#
loop_
_chem_comp.id
_chem_comp.type
_chem_comp.name
_chem_comp.formula
A1JNJ non-polymer '6-(1~{H}-pyrazol-4-yl)pyridine-3-carboxylic acid' 'C9 H7 N3 O2'
SO4 non-polymer 'SULFATE ION' 'O4 S -2'
#
# COMPACT_ATOMS: atom_id res chain seq x y z
N ASP A 5 22.46 22.50 -8.87
CA ASP A 5 22.35 21.96 -7.52
C ASP A 5 21.32 22.74 -6.71
N TYR A 6 21.21 22.44 -5.42
CA TYR A 6 20.12 22.96 -4.62
C TYR A 6 20.53 24.09 -3.68
N GLU A 7 21.82 24.43 -3.61
CA GLU A 7 22.26 25.59 -2.85
C GLU A 7 22.01 26.87 -3.64
N ILE A 8 21.55 27.91 -2.97
CA ILE A 8 21.18 29.16 -3.63
C ILE A 8 21.96 30.30 -3.01
N GLN A 9 22.35 31.28 -3.84
CA GLN A 9 23.13 32.42 -3.38
C GLN A 9 22.20 33.49 -2.83
N ARG A 10 22.44 33.91 -1.58
CA ARG A 10 21.53 34.83 -0.89
C ARG A 10 21.23 36.08 -1.71
N GLU A 11 22.09 36.39 -2.69
CA GLU A 11 21.91 37.58 -3.52
C GLU A 11 20.74 37.43 -4.49
N ARG A 12 20.37 36.21 -4.85
CA ARG A 12 19.24 35.99 -5.73
C ARG A 12 17.90 35.95 -4.99
N ILE A 13 17.87 36.28 -3.70
CA ILE A 13 16.65 36.17 -2.90
C ILE A 13 16.36 37.53 -2.31
N GLU A 14 15.11 37.98 -2.49
CA GLU A 14 14.65 39.25 -1.94
C GLU A 14 13.53 38.94 -0.94
N LEU A 15 13.81 39.11 0.35
CA LEU A 15 12.84 38.73 1.37
C LEU A 15 11.74 39.78 1.43
N GLY A 16 10.50 39.31 1.60
CA GLY A 16 9.34 40.16 1.62
C GLY A 16 8.47 39.84 2.83
N ARG A 17 7.18 40.04 2.66
CA ARG A 17 6.24 40.00 3.78
C ARG A 17 6.24 38.64 4.46
N CYS A 18 6.25 38.68 5.79
CA CYS A 18 6.13 37.48 6.63
C CYS A 18 4.71 36.91 6.52
N ILE A 19 4.60 35.62 6.13
CA ILE A 19 3.31 35.02 5.81
C ILE A 19 2.90 33.95 6.81
N GLY A 20 3.63 33.78 7.91
CA GLY A 20 3.28 32.74 8.85
C GLY A 20 4.42 32.37 9.75
N GLU A 21 4.07 31.77 10.88
CA GLU A 21 5.05 31.28 11.84
C GLU A 21 5.11 29.76 11.77
N GLY A 22 6.31 29.22 11.60
CA GLY A 22 6.52 27.80 11.55
C GLY A 22 7.16 27.28 12.82
N GLN A 23 7.27 25.95 12.88
CA GLN A 23 7.97 25.27 13.96
C GLN A 23 9.28 25.95 14.27
N PHE A 24 10.03 26.34 13.23
CA PHE A 24 11.39 26.81 13.41
C PHE A 24 11.53 28.31 13.36
N GLY A 25 10.56 29.03 12.82
CA GLY A 25 10.70 30.47 12.70
C GLY A 25 9.66 31.04 11.78
N ASP A 26 9.84 32.32 11.47
CA ASP A 26 8.91 33.00 10.58
C ASP A 26 9.00 32.38 9.20
N VAL A 27 7.88 32.44 8.49
CA VAL A 27 7.82 32.05 7.09
C VAL A 27 7.55 33.32 6.29
N HIS A 28 8.39 33.56 5.28
CA HIS A 28 8.23 34.76 4.48
C HIS A 28 7.90 34.38 3.05
N GLN A 29 7.28 35.32 2.36
CA GLN A 29 7.29 35.26 0.91
C GLN A 29 8.40 36.17 0.40
N GLY A 30 8.71 36.03 -0.87
CA GLY A 30 9.79 36.81 -1.45
C GLY A 30 9.96 36.42 -2.89
N ILE A 31 10.99 37.01 -3.51
CA ILE A 31 11.28 36.81 -4.93
C ILE A 31 12.59 36.07 -5.06
N TYR A 32 12.62 35.11 -5.99
CA TYR A 32 13.83 34.39 -6.39
C TYR A 32 14.17 34.80 -7.82
N MET A 33 15.33 35.45 -7.99
CA MET A 33 15.83 35.93 -9.29
C MET A 33 16.84 34.92 -9.82
N SER A 34 16.39 34.00 -10.65
CA SER A 34 17.26 33.08 -11.36
C SER A 34 17.33 33.46 -12.83
N PRO A 35 18.30 32.90 -13.56
CA PRO A 35 18.32 33.15 -15.02
C PRO A 35 17.19 32.43 -15.76
N GLU A 36 16.74 31.29 -15.24
CA GLU A 36 15.63 30.58 -15.84
C GLU A 36 14.30 31.32 -15.66
N ASN A 37 14.14 32.01 -14.53
CA ASN A 37 12.96 32.80 -14.25
C ASN A 37 13.35 34.06 -13.49
N PRO A 38 13.36 35.21 -14.17
CA PRO A 38 13.93 36.42 -13.55
C PRO A 38 13.23 36.87 -12.27
N ALA A 39 11.95 36.56 -12.10
CA ALA A 39 11.23 36.95 -10.89
C ALA A 39 10.27 35.83 -10.59
N LEU A 40 10.66 34.95 -9.68
CA LEU A 40 9.83 33.83 -9.26
C LEU A 40 9.41 34.08 -7.84
N ALA A 41 8.11 34.04 -7.59
CA ALA A 41 7.58 34.19 -6.25
C ALA A 41 7.82 32.88 -5.48
N VAL A 42 8.38 33.00 -4.27
CA VAL A 42 8.83 31.84 -3.48
C VAL A 42 8.40 32.05 -2.04
N ALA A 43 8.47 30.99 -1.26
CA ALA A 43 8.35 31.07 0.19
C ALA A 43 9.72 30.80 0.81
N ILE A 44 10.02 31.48 1.90
CA ILE A 44 11.28 31.33 2.65
C ILE A 44 10.95 30.96 4.10
N LYS A 45 11.28 29.73 4.49
CA LYS A 45 11.25 29.31 5.89
C LYS A 45 12.58 29.66 6.55
N THR A 46 12.51 30.38 7.66
CA THR A 46 13.70 30.76 8.40
C THR A 46 13.81 29.93 9.68
N CYS A 47 15.01 29.92 10.26
CA CYS A 47 15.30 29.07 11.41
C CYS A 47 15.91 29.88 12.54
N LYS A 48 15.07 30.24 13.51
CA LYS A 48 15.46 31.14 14.60
C LYS A 48 16.64 30.62 15.42
N ASN A 49 16.69 29.31 15.66
CA ASN A 49 17.68 28.78 16.60
C ASN A 49 18.76 27.97 15.90
N CYS A 50 19.00 28.23 14.62
CA CYS A 50 19.80 27.31 13.83
C CYS A 50 21.30 27.53 13.99
N THR A 51 21.72 28.48 14.85
CA THR A 51 23.09 28.50 15.33
C THR A 51 23.43 27.20 16.05
N SER A 52 22.43 26.53 16.61
CA SER A 52 22.59 25.19 17.16
C SER A 52 22.52 24.20 16.00
N ASP A 53 23.60 23.44 15.79
CA ASP A 53 23.58 22.46 14.71
C ASP A 53 22.52 21.39 14.93
N SER A 54 22.16 21.11 16.18
CA SER A 54 21.09 20.15 16.39
C SER A 54 19.79 20.66 15.80
N VAL A 55 19.53 21.97 15.93
CA VAL A 55 18.35 22.56 15.31
C VAL A 55 18.50 22.61 13.79
N ARG A 56 19.62 23.17 13.30
CA ARG A 56 19.93 23.17 11.88
C ARG A 56 19.74 21.77 11.28
N GLU A 57 20.18 20.74 11.99
CA GLU A 57 20.01 19.38 11.52
C GLU A 57 18.54 19.07 11.28
N LYS A 58 17.71 19.37 12.26
CA LYS A 58 16.30 19.01 12.17
C LYS A 58 15.58 19.89 11.14
N PHE A 59 15.89 21.19 11.12
CA PHE A 59 15.31 22.10 10.14
C PHE A 59 15.60 21.65 8.72
N LEU A 60 16.86 21.32 8.43
CA LEU A 60 17.18 21.07 7.04
C LEU A 60 16.84 19.65 6.62
N GLN A 61 16.45 18.79 7.56
CA GLN A 61 15.93 17.50 7.15
C GLN A 61 14.65 17.67 6.34
N GLU A 62 13.84 18.68 6.67
CA GLU A 62 12.63 18.97 5.90
C GLU A 62 12.92 19.18 4.43
N ALA A 63 14.04 19.85 4.11
CA ALA A 63 14.38 20.09 2.71
C ALA A 63 14.96 18.83 2.06
N LEU A 64 15.76 18.05 2.80
CA LEU A 64 16.27 16.81 2.22
C LEU A 64 15.13 15.89 1.79
N THR A 65 14.02 15.91 2.54
CA THR A 65 12.88 15.03 2.30
C THR A 65 11.99 15.54 1.18
N MET A 66 11.64 16.84 1.24
CA MET A 66 10.91 17.47 0.14
C MET A 66 11.53 17.13 -1.20
N ARG A 67 12.85 17.11 -1.24
CA ARG A 67 13.59 16.98 -2.48
C ARG A 67 13.32 15.63 -3.17
N GLN A 68 12.76 14.66 -2.46
CA GLN A 68 12.62 13.33 -3.02
C GLN A 68 11.28 13.11 -3.72
N PHE A 69 10.32 13.99 -3.54
CA PHE A 69 8.97 13.76 -4.04
C PHE A 69 8.65 14.68 -5.22
N ASP A 70 7.91 14.15 -6.19
CA ASP A 70 7.45 14.98 -7.32
C ASP A 70 5.97 14.65 -7.55
N HIS A 71 5.11 15.46 -6.93
CA HIS A 71 3.68 15.29 -7.10
C HIS A 71 3.03 16.66 -7.30
N PRO A 72 1.92 16.71 -8.07
CA PRO A 72 1.24 18.00 -8.27
C PRO A 72 0.62 18.57 -7.01
N HIS A 73 0.24 17.73 -6.05
CA HIS A 73 -0.40 18.17 -4.81
C HIS A 73 0.52 18.02 -3.59
N ILE A 74 1.81 18.16 -3.83
CA ILE A 74 2.84 18.23 -2.81
C ILE A 74 3.74 19.41 -3.13
N VAL A 75 3.94 20.29 -2.16
CA VAL A 75 4.85 21.43 -2.33
C VAL A 75 6.25 20.98 -2.80
N LYS A 76 6.92 21.85 -3.54
CA LYS A 76 8.21 21.57 -4.16
C LYS A 76 9.31 22.42 -3.56
N LEU A 77 10.51 21.83 -3.45
CA LEU A 77 11.67 22.52 -2.94
C LEU A 77 12.35 23.30 -4.06
N ILE A 78 12.72 24.54 -3.80
CA ILE A 78 13.51 25.29 -4.75
C ILE A 78 15.00 25.18 -4.44
N GLY A 79 15.38 25.40 -3.19
CA GLY A 79 16.78 25.37 -2.81
C GLY A 79 16.92 25.69 -1.33
N VAL A 80 18.17 25.69 -0.87
CA VAL A 80 18.47 26.04 0.52
C VAL A 80 19.68 26.95 0.57
N ILE A 81 19.72 27.78 1.60
CA ILE A 81 20.91 28.54 1.98
C ILE A 81 21.33 27.99 3.34
N THR A 82 22.53 27.42 3.40
CA THR A 82 22.93 26.69 4.59
C THR A 82 23.83 27.49 5.52
N GLU A 83 24.44 28.57 5.06
CA GLU A 83 25.16 29.40 6.00
C GLU A 83 24.17 30.25 6.77
N ASN A 84 24.63 30.76 7.90
CA ASN A 84 23.74 31.49 8.78
C ASN A 84 23.40 32.87 8.20
N PRO A 85 22.12 33.27 8.17
CA PRO A 85 20.94 32.50 8.64
C PRO A 85 20.47 31.46 7.62
N VAL A 86 20.20 30.26 8.11
CA VAL A 86 19.78 29.12 7.29
C VAL A 86 18.36 29.32 6.80
N TRP A 87 18.13 29.09 5.49
CA TRP A 87 16.83 29.31 4.85
C TRP A 87 16.44 28.14 3.94
N ILE A 88 15.16 27.80 3.93
CA ILE A 88 14.58 26.91 2.94
C ILE A 88 13.73 27.72 1.98
N ILE A 89 14.01 27.59 0.69
CA ILE A 89 13.25 28.27 -0.35
C ILE A 89 12.41 27.20 -1.03
N MET A 90 11.09 27.40 -1.03
CA MET A 90 10.15 26.44 -1.59
C MET A 90 9.01 27.18 -2.28
N GLU A 91 8.20 26.41 -3.03
CA GLU A 91 7.19 27.03 -3.85
C GLU A 91 6.21 27.80 -2.95
N LEU A 92 5.75 28.93 -3.45
CA LEU A 92 4.79 29.74 -2.72
C LEU A 92 3.38 29.24 -3.00
N CYS A 93 2.59 29.11 -1.96
CA CYS A 93 1.16 28.81 -2.09
C CYS A 93 0.47 30.04 -1.54
N THR A 94 -0.06 30.88 -2.45
CA THR A 94 -0.40 32.25 -2.07
C THR A 94 -1.61 32.35 -1.16
N LEU A 95 -2.42 31.30 -1.02
CA LEU A 95 -3.59 31.42 -0.17
C LEU A 95 -3.38 30.79 1.22
N GLY A 96 -2.15 30.37 1.55
CA GLY A 96 -1.82 30.04 2.92
C GLY A 96 -2.28 28.68 3.37
N GLU A 97 -2.20 28.47 4.69
CA GLU A 97 -2.51 27.16 5.25
C GLU A 97 -4.01 26.88 5.15
N LEU A 98 -4.32 25.62 4.84
CA LEU A 98 -5.70 25.24 4.55
C LEU A 98 -6.64 25.59 5.70
N ARG A 99 -6.21 25.36 6.95
CA ARG A 99 -7.12 25.57 8.08
C ARG A 99 -7.69 26.99 8.10
N SER A 100 -6.82 28.00 8.02
CA SER A 100 -7.30 29.37 8.06
C SER A 100 -8.21 29.66 6.87
N PHE A 101 -7.81 29.17 5.70
CA PHE A 101 -8.55 29.39 4.46
C PHE A 101 -9.96 28.84 4.58
N LEU A 102 -10.10 27.65 5.17
CA LEU A 102 -11.41 27.08 5.43
C LEU A 102 -12.21 27.95 6.39
N GLN A 103 -11.58 28.33 7.50
CA GLN A 103 -12.22 29.24 8.45
C GLN A 103 -12.70 30.52 7.76
N VAL A 104 -11.82 31.17 7.00
CA VAL A 104 -12.21 32.46 6.45
C VAL A 104 -13.14 32.31 5.27
N ARG A 105 -13.07 31.18 4.55
CA ARG A 105 -13.89 30.93 3.36
C ARG A 105 -15.19 30.20 3.69
N LYS A 106 -15.49 30.02 4.97
CA LYS A 106 -16.78 29.47 5.33
C LYS A 106 -17.89 30.30 4.68
N TYR A 107 -19.01 29.65 4.37
CA TYR A 107 -20.13 30.32 3.67
C TYR A 107 -19.78 30.67 2.23
N SER A 108 -18.49 30.66 1.90
CA SER A 108 -18.04 30.98 0.56
C SER A 108 -17.71 29.75 -0.29
N LEU A 109 -17.24 28.66 0.30
CA LEU A 109 -16.90 27.46 -0.45
C LEU A 109 -18.07 26.49 -0.49
N ASP A 110 -18.26 25.85 -1.63
CA ASP A 110 -19.32 24.87 -1.80
C ASP A 110 -18.83 23.46 -1.47
N LEU A 111 -19.73 22.50 -1.59
CA LEU A 111 -19.42 21.13 -1.18
C LEU A 111 -18.41 20.50 -2.12
N ALA A 112 -18.61 20.65 -3.43
CA ALA A 112 -17.72 20.04 -4.40
C ALA A 112 -16.27 20.45 -4.14
N SER A 113 -16.07 21.71 -3.76
CA SER A 113 -14.73 22.22 -3.49
C SER A 113 -14.12 21.59 -2.26
N LEU A 114 -14.93 21.35 -1.22
CA LEU A 114 -14.38 20.70 -0.04
C LEU A 114 -14.03 19.26 -0.36
N ILE A 115 -14.87 18.58 -1.15
CA ILE A 115 -14.52 17.24 -1.62
C ILE A 115 -13.29 17.30 -2.51
N LEU A 116 -13.24 18.25 -3.43
CA LEU A 116 -12.05 18.38 -4.27
C LEU A 116 -10.78 18.42 -3.43
N TYR A 117 -10.78 19.14 -2.30
CA TYR A 117 -9.55 19.24 -1.49
C TYR A 117 -9.18 17.91 -0.86
N ALA A 118 -10.16 17.16 -0.35
CA ALA A 118 -9.87 15.85 0.24
C ALA A 118 -9.36 14.86 -0.81
N TYR A 119 -10.02 14.80 -1.96
CA TYR A 119 -9.55 13.95 -3.04
C TYR A 119 -8.14 14.34 -3.47
N GLN A 120 -7.87 15.65 -3.64
CA GLN A 120 -6.52 16.07 -3.99
C GLN A 120 -5.51 15.59 -2.95
N LEU A 121 -5.83 15.77 -1.67
CA LEU A 121 -4.99 15.27 -0.59
C LEU A 121 -4.75 13.77 -0.68
N SER A 122 -5.81 13.00 -0.90
CA SER A 122 -5.64 11.55 -1.02
C SER A 122 -4.71 11.18 -2.16
N THR A 123 -4.66 11.96 -3.24
CA THR A 123 -3.77 11.57 -4.33
C THR A 123 -2.33 11.80 -3.94
N ALA A 124 -2.08 12.87 -3.19
CA ALA A 124 -0.74 13.10 -2.64
C ALA A 124 -0.35 11.99 -1.68
N LEU A 125 -1.30 11.52 -0.85
CA LEU A 125 -0.94 10.50 0.12
C LEU A 125 -0.89 9.12 -0.53
N ALA A 126 -1.71 8.85 -1.54
CA ALA A 126 -1.52 7.62 -2.32
C ALA A 126 -0.12 7.61 -2.96
N TYR A 127 0.33 8.76 -3.47
CA TYR A 127 1.66 8.81 -4.04
C TYR A 127 2.73 8.52 -2.99
N LEU A 128 2.65 9.20 -1.84
CA LEU A 128 3.64 8.92 -0.79
C LEU A 128 3.62 7.46 -0.36
N GLU A 129 2.41 6.87 -0.32
CA GLU A 129 2.23 5.45 0.03
C GLU A 129 2.95 4.55 -0.96
N SER A 130 2.76 4.82 -2.26
CA SER A 130 3.50 4.13 -3.31
C SER A 130 5.02 4.26 -3.16
N LYS A 131 5.50 5.28 -2.47
CA LYS A 131 6.91 5.42 -2.18
C LYS A 131 7.29 4.82 -0.84
N ARG A 132 6.31 4.28 -0.10
CA ARG A 132 6.51 3.64 1.21
C ARG A 132 6.91 4.66 2.26
N PHE A 133 6.43 5.90 2.10
CA PHE A 133 6.71 7.01 3.01
C PHE A 133 5.55 7.16 3.96
N VAL A 134 5.84 7.13 5.26
CA VAL A 134 4.87 7.40 6.31
C VAL A 134 5.07 8.84 6.74
N HIS A 135 3.98 9.61 6.78
CA HIS A 135 4.03 11.05 7.02
C HIS A 135 3.93 11.39 8.51
N ARG A 136 2.99 10.78 9.22
CA ARG A 136 2.87 10.86 10.67
C ARG A 136 2.25 12.13 11.21
N ASP A 137 1.92 13.12 10.39
CA ASP A 137 1.41 14.39 10.90
C ASP A 137 0.38 14.98 9.95
N ILE A 138 -0.53 14.15 9.46
CA ILE A 138 -1.54 14.60 8.50
C ILE A 138 -2.61 15.41 9.24
N ALA A 139 -2.68 16.71 8.94
CA ALA A 139 -3.63 17.61 9.56
C ALA A 139 -3.92 18.77 8.61
N ALA A 140 -5.12 19.33 8.73
CA ALA A 140 -5.47 20.48 7.90
C ALA A 140 -4.43 21.60 8.03
N ARG A 141 -3.84 21.77 9.21
CA ARG A 141 -2.84 22.81 9.37
C ARG A 141 -1.58 22.55 8.54
N ASN A 142 -1.34 21.32 8.12
CA ASN A 142 -0.16 21.01 7.31
C ASN A 142 -0.44 20.97 5.81
N VAL A 143 -1.58 21.50 5.37
CA VAL A 143 -1.89 21.62 3.94
C VAL A 143 -1.96 23.08 3.56
N LEU A 144 -1.48 23.39 2.36
CA LEU A 144 -1.49 24.74 1.83
C LEU A 144 -2.40 24.81 0.60
N VAL A 145 -2.89 26.02 0.35
CA VAL A 145 -3.85 26.31 -0.71
C VAL A 145 -3.13 27.08 -1.80
N SER A 146 -3.02 26.47 -2.99
CA SER A 146 -2.39 27.16 -4.10
C SER A 146 -3.38 28.03 -4.85
N SER A 147 -4.63 27.62 -4.89
CA SER A 147 -5.67 28.35 -5.58
C SER A 147 -6.99 27.80 -5.09
N ASN A 148 -8.07 28.48 -5.49
CA ASN A 148 -9.40 28.07 -5.07
C ASN A 148 -9.67 26.60 -5.42
N ASP A 149 -8.99 26.07 -6.44
CA ASP A 149 -9.15 24.68 -6.83
C ASP A 149 -7.84 23.87 -6.76
N CYS A 150 -6.95 24.18 -5.83
CA CYS A 150 -5.72 23.42 -5.72
C CYS A 150 -5.11 23.57 -4.32
N VAL A 151 -5.05 22.47 -3.59
CA VAL A 151 -4.36 22.46 -2.31
C VAL A 151 -3.13 21.57 -2.43
N LYS A 152 -2.19 21.73 -1.49
CA LYS A 152 -0.97 20.93 -1.50
C LYS A 152 -0.52 20.58 -0.09
N LEU A 153 0.07 19.40 0.01
CA LEU A 153 0.72 18.95 1.22
C LEU A 153 2.02 19.71 1.44
N GLY A 154 2.13 20.37 2.59
CA GLY A 154 3.20 21.34 2.81
C GLY A 154 4.25 20.95 3.83
N ASP A 155 3.94 19.98 4.68
CA ASP A 155 4.87 19.51 5.68
C ASP A 155 5.05 18.01 5.55
N PHE A 156 6.04 17.48 6.27
CA PHE A 156 6.34 16.07 6.20
C PHE A 156 6.48 15.39 7.56
N GLY A 157 6.87 16.12 8.62
CA GLY A 157 7.22 15.58 9.92
C GLY A 157 6.50 14.34 10.42
N LEU A 175 2.67 17.04 20.74
CA LEU A 175 2.12 15.92 19.99
C LEU A 175 0.63 16.11 19.67
N PRO A 176 0.18 15.65 18.48
CA PRO A 176 -1.21 15.85 18.04
C PRO A 176 -2.11 14.66 18.40
N ILE A 177 -2.26 14.39 19.69
CA ILE A 177 -2.99 13.22 20.14
C ILE A 177 -4.35 13.14 19.47
N LYS A 178 -5.03 14.29 19.36
CA LYS A 178 -6.41 14.29 18.87
C LYS A 178 -6.50 13.84 17.43
N TRP A 179 -5.41 13.93 16.67
CA TRP A 179 -5.35 13.42 15.30
C TRP A 179 -4.79 11.99 15.21
N MET A 180 -4.11 11.48 16.23
CA MET A 180 -3.37 10.23 16.07
C MET A 180 -4.21 8.96 16.27
N ALA A 181 -3.80 7.92 15.52
CA ALA A 181 -4.37 6.60 15.61
C ALA A 181 -4.10 5.99 16.99
N PRO A 182 -4.97 5.09 17.46
CA PRO A 182 -4.77 4.51 18.79
C PRO A 182 -3.42 3.85 18.97
N GLU A 183 -2.96 3.09 17.97
CA GLU A 183 -1.68 2.41 18.13
C GLU A 183 -0.50 3.39 18.12
N SER A 184 -0.67 4.56 17.51
CA SER A 184 0.34 5.62 17.68
C SER A 184 0.42 6.06 19.13
N ILE A 185 -0.73 6.12 19.82
CA ILE A 185 -0.75 6.63 21.18
C ILE A 185 -0.26 5.58 22.16
N ASN A 186 -0.67 4.32 21.98
CA ASN A 186 -0.32 3.24 22.90
C ASN A 186 1.04 2.59 22.63
N PHE A 187 1.46 2.52 21.36
CA PHE A 187 2.73 1.88 21.03
C PHE A 187 3.69 2.82 20.32
N ARG A 188 3.40 4.12 20.24
CA ARG A 188 4.22 5.04 19.44
C ARG A 188 4.53 4.48 18.05
N ARG A 189 3.59 3.74 17.48
CA ARG A 189 3.75 3.07 16.20
C ARG A 189 3.13 3.90 15.08
N PHE A 190 3.85 4.07 13.96
CA PHE A 190 3.39 4.89 12.86
C PHE A 190 3.58 4.16 11.54
N THR A 191 2.49 3.98 10.79
CA THR A 191 2.50 3.18 9.56
C THR A 191 1.61 3.84 8.51
N SER A 192 1.58 3.28 7.30
CA SER A 192 0.62 3.75 6.33
C SER A 192 -0.79 3.76 6.91
N ALA A 193 -1.09 2.79 7.78
CA ALA A 193 -2.44 2.70 8.33
C ALA A 193 -2.70 3.80 9.36
N SER A 194 -1.68 4.23 10.11
CA SER A 194 -1.84 5.43 10.93
C SER A 194 -2.15 6.63 10.07
N ASP A 195 -1.45 6.74 8.95
CA ASP A 195 -1.67 7.88 8.05
C ASP A 195 -3.13 7.91 7.59
N VAL A 196 -3.63 6.77 7.15
CA VAL A 196 -5.03 6.68 6.76
C VAL A 196 -5.93 7.18 7.88
N TRP A 197 -5.73 6.71 9.11
CA TRP A 197 -6.53 7.20 10.23
C TRP A 197 -6.46 8.72 10.32
N MET A 198 -5.25 9.27 10.34
CA MET A 198 -5.13 10.70 10.53
C MET A 198 -5.76 11.48 9.38
N PHE A 199 -5.87 10.85 8.21
CA PHE A 199 -6.46 11.49 7.06
C PHE A 199 -7.98 11.53 7.19
N GLY A 200 -8.57 10.53 7.87
CA GLY A 200 -9.97 10.61 8.22
C GLY A 200 -10.26 11.81 9.10
N VAL A 201 -9.37 12.09 10.06
CA VAL A 201 -9.57 13.26 10.91
C VAL A 201 -9.46 14.52 10.06
N CYS A 202 -8.45 14.59 9.18
CA CYS A 202 -8.30 15.75 8.32
C CYS A 202 -9.53 15.99 7.45
N MET A 203 -10.08 14.94 6.85
CA MET A 203 -11.32 15.09 6.10
C MET A 203 -12.42 15.70 6.97
N TRP A 204 -12.62 15.14 8.16
CA TRP A 204 -13.53 15.74 9.12
C TRP A 204 -13.24 17.24 9.29
N GLU A 205 -11.97 17.59 9.56
CA GLU A 205 -11.56 18.98 9.70
C GLU A 205 -12.01 19.86 8.53
N ILE A 206 -11.95 19.32 7.31
CA ILE A 206 -12.31 20.11 6.15
C ILE A 206 -13.82 20.25 6.06
N LEU A 207 -14.56 19.19 6.33
CA LEU A 207 -15.99 19.34 6.29
C LEU A 207 -16.52 20.20 7.41
N MET A 208 -15.74 20.42 8.48
CA MET A 208 -16.07 21.38 9.53
C MET A 208 -15.44 22.76 9.34
N HIS A 209 -14.90 23.07 8.17
CA HIS A 209 -14.34 24.39 7.90
C HIS A 209 -13.26 24.75 8.90
N GLY A 210 -12.42 23.77 9.25
CA GLY A 210 -11.28 24.06 10.09
C GLY A 210 -11.57 24.21 11.56
N VAL A 211 -12.51 23.48 12.09
CA VAL A 211 -12.68 23.35 13.53
C VAL A 211 -11.80 22.19 13.98
N LYS A 212 -11.05 22.38 15.06
CA LYS A 212 -10.18 21.30 15.50
C LYS A 212 -11.00 20.16 16.12
N PRO A 213 -10.57 18.92 15.93
CA PRO A 213 -11.27 17.79 16.55
C PRO A 213 -11.16 17.83 18.06
N PHE A 214 -12.24 17.45 18.72
CA PHE A 214 -12.22 17.22 20.16
C PHE A 214 -11.86 18.49 20.93
N GLN A 215 -12.37 19.64 20.47
CA GLN A 215 -12.07 20.88 21.16
C GLN A 215 -12.54 20.81 22.61
N GLY A 216 -11.74 21.37 23.51
CA GLY A 216 -12.10 21.38 24.91
C GLY A 216 -12.14 20.03 25.55
N VAL A 217 -11.43 19.05 25.02
CA VAL A 217 -11.38 17.70 25.58
C VAL A 217 -9.92 17.40 25.93
N LYS A 218 -9.68 17.06 27.20
CA LYS A 218 -8.36 16.63 27.61
C LYS A 218 -7.83 15.53 26.70
N ASN A 219 -6.63 15.75 26.16
CA ASN A 219 -5.96 14.73 25.37
C ASN A 219 -6.12 13.33 25.98
N ASN A 220 -5.74 13.16 27.24
CA ASN A 220 -5.77 11.83 27.82
C ASN A 220 -7.16 11.21 27.81
N ASP A 221 -8.21 12.04 27.83
CA ASP A 221 -9.57 11.53 27.80
C ASP A 221 -9.99 11.08 26.40
N VAL A 222 -9.30 11.58 25.38
CA VAL A 222 -9.62 11.24 23.99
C VAL A 222 -9.37 9.76 23.73
N ILE A 223 -8.28 9.22 24.26
CA ILE A 223 -7.91 7.82 24.03
C ILE A 223 -8.97 6.88 24.61
N GLY A 224 -9.41 7.16 25.83
CA GLY A 224 -10.44 6.32 26.43
C GLY A 224 -11.70 6.29 25.60
N ARG A 225 -12.09 7.45 25.07
CA ARG A 225 -13.32 7.52 24.29
C ARG A 225 -13.19 6.79 22.96
N ILE A 226 -12.01 6.82 22.33
CA ILE A 226 -11.80 5.97 21.15
C ILE A 226 -11.88 4.50 21.56
N GLU A 227 -11.18 4.13 22.62
CA GLU A 227 -11.30 2.77 23.13
C GLU A 227 -12.75 2.44 23.45
N ASN A 228 -13.49 3.42 23.96
CA ASN A 228 -14.91 3.19 24.20
C ASN A 228 -15.70 3.00 22.91
N GLY A 229 -15.12 3.27 21.76
CA GLY A 229 -15.83 3.15 20.51
C GLY A 229 -16.42 4.44 19.98
N GLU A 230 -16.31 5.54 20.71
CA GLU A 230 -16.83 6.80 20.21
C GLU A 230 -15.97 7.30 19.06
N ARG A 231 -16.58 8.17 18.24
CA ARG A 231 -15.94 8.70 17.06
C ARG A 231 -16.42 10.13 16.84
N LEU A 232 -15.77 10.82 15.90
CA LEU A 232 -16.16 12.20 15.62
C LEU A 232 -17.54 12.24 14.97
N PRO A 233 -18.37 13.22 15.32
CA PRO A 233 -19.73 13.27 14.78
C PRO A 233 -19.73 13.55 13.28
N MET A 234 -20.79 13.11 12.61
CA MET A 234 -21.06 13.51 11.23
C MET A 234 -21.24 15.02 11.15
N PRO A 235 -20.40 15.74 10.40
CA PRO A 235 -20.54 17.19 10.32
C PRO A 235 -21.82 17.58 9.60
N PRO A 236 -22.37 18.75 9.89
CA PRO A 236 -23.49 19.25 9.10
C PRO A 236 -23.09 19.43 7.63
N ASN A 237 -24.04 19.17 6.74
CA ASN A 237 -23.83 19.33 5.31
C ASN A 237 -22.86 18.31 4.74
N CYS A 238 -22.41 17.40 5.53
CA CYS A 238 -21.54 16.35 5.03
C CYS A 238 -22.36 15.17 4.52
N PRO A 239 -22.06 14.66 3.33
CA PRO A 239 -22.87 13.59 2.74
C PRO A 239 -22.61 12.26 3.43
N PRO A 240 -23.66 11.42 3.56
CA PRO A 240 -23.47 10.07 4.10
C PRO A 240 -22.32 9.30 3.50
N THR A 241 -21.99 9.51 2.21
CA THR A 241 -20.97 8.69 1.55
C THR A 241 -19.58 9.05 2.07
N LEU A 242 -19.36 10.33 2.31
CA LEU A 242 -18.12 10.81 2.88
C LEU A 242 -17.99 10.39 4.34
N TYR A 243 -19.04 10.61 5.14
CA TYR A 243 -18.98 10.14 6.51
C TYR A 243 -18.67 8.65 6.57
N SER A 244 -19.27 7.87 5.69
CA SER A 244 -18.96 6.45 5.70
C SER A 244 -17.49 6.21 5.38
N LEU A 245 -16.96 6.96 4.41
CA LEU A 245 -15.53 6.91 4.15
C LEU A 245 -14.73 7.24 5.43
N MET A 246 -15.06 8.36 6.10
CA MET A 246 -14.33 8.71 7.31
C MET A 246 -14.33 7.56 8.32
N THR A 247 -15.50 6.96 8.57
CA THR A 247 -15.56 5.90 9.59
C THR A 247 -14.77 4.65 9.19
N LYS A 248 -14.52 4.41 7.90
CA LYS A 248 -13.66 3.29 7.58
C LYS A 248 -12.22 3.60 7.96
N CYS A 249 -11.79 4.84 7.73
CA CYS A 249 -10.50 5.31 8.22
C CYS A 249 -10.34 5.12 9.72
N TRP A 250 -11.43 5.01 10.48
CA TRP A 250 -11.30 4.97 11.93
C TRP A 250 -11.55 3.57 12.49
N ALA A 251 -11.40 2.52 11.68
CA ALA A 251 -11.30 1.17 12.25
C ALA A 251 -10.23 1.17 13.34
N TYR A 252 -10.59 0.62 14.50
CA TYR A 252 -9.64 0.57 15.60
C TYR A 252 -8.44 -0.31 15.26
N ASP A 253 -8.68 -1.43 14.61
CA ASP A 253 -7.60 -2.29 14.20
C ASP A 253 -6.99 -1.74 12.92
N PRO A 254 -5.69 -1.41 12.90
CA PRO A 254 -5.12 -0.80 11.70
C PRO A 254 -5.25 -1.66 10.45
N SER A 255 -5.39 -2.98 10.60
CA SER A 255 -5.44 -3.79 9.39
C SER A 255 -6.81 -3.78 8.72
N ARG A 256 -7.84 -3.18 9.32
CA ARG A 256 -9.11 -3.00 8.64
C ARG A 256 -9.25 -1.63 8.00
N ARG A 257 -8.29 -0.89 8.04
CA ARG A 257 -8.57 0.39 7.43
C ARG A 257 -8.17 0.36 5.96
N PRO A 258 -8.77 1.19 5.11
CA PRO A 258 -8.44 1.16 3.67
C PRO A 258 -7.08 1.76 3.39
N ARG A 259 -6.61 1.51 2.15
CA ARG A 259 -5.41 2.12 1.60
C ARG A 259 -5.78 3.39 0.85
N PHE A 260 -4.82 4.30 0.75
CA PHE A 260 -5.14 5.54 0.07
C PHE A 260 -5.51 5.29 -1.38
N THR A 261 -4.91 4.29 -2.02
CA THR A 261 -5.32 4.00 -3.39
C THR A 261 -6.83 3.85 -3.49
N GLU A 262 -7.44 3.13 -2.55
CA GLU A 262 -8.87 2.93 -2.56
C GLU A 262 -9.62 4.20 -2.14
N LEU A 263 -9.18 4.85 -1.06
CA LEU A 263 -9.77 6.12 -0.70
C LEU A 263 -9.79 7.07 -1.89
N LYS A 264 -8.70 7.08 -2.66
CA LYS A 264 -8.60 7.95 -3.83
C LYS A 264 -9.70 7.65 -4.84
N ALA A 265 -9.96 6.37 -5.07
CA ALA A 265 -10.97 6.00 -6.07
C ALA A 265 -12.37 6.34 -5.59
N GLN A 266 -12.66 6.12 -4.32
CA GLN A 266 -13.98 6.42 -3.80
C GLN A 266 -14.23 7.92 -3.80
N LEU A 267 -13.28 8.71 -3.31
CA LEU A 267 -13.41 10.16 -3.37
C LEU A 267 -13.55 10.67 -4.81
N SER A 268 -12.96 9.98 -5.77
CA SER A 268 -13.16 10.37 -7.16
C SER A 268 -14.62 10.21 -7.56
N THR A 269 -15.24 9.10 -7.17
CA THR A 269 -16.66 8.92 -7.44
C THR A 269 -17.51 9.91 -6.67
N ILE A 270 -17.20 10.14 -5.39
CA ILE A 270 -17.97 11.10 -4.62
C ILE A 270 -17.93 12.47 -5.30
N LEU A 271 -16.79 12.80 -5.92
CA LEU A 271 -16.66 14.14 -6.47
C LEU A 271 -17.40 14.27 -7.79
N GLU A 272 -17.36 13.22 -8.63
CA GLU A 272 -18.06 13.29 -9.90
C GLU A 272 -19.55 13.45 -9.66
N GLU A 273 -20.09 12.75 -8.66
CA GLU A 273 -21.51 12.82 -8.38
C GLU A 273 -21.90 14.15 -7.74
N GLU A 274 -21.08 14.69 -6.82
CA GLU A 274 -21.36 15.99 -6.26
C GLU A 274 -21.37 17.07 -7.33
N LYS A 275 -20.35 17.08 -8.20
CA LYS A 275 -20.35 18.00 -9.33
C LYS A 275 -21.68 17.95 -10.07
N ALA A 276 -22.30 16.76 -10.14
CA ALA A 276 -23.61 16.64 -10.73
C ALA A 276 -24.72 17.20 -9.85
N GLN A 277 -24.45 17.43 -8.56
CA GLN A 277 -25.43 17.97 -7.61
C GLN A 277 -26.41 16.91 -7.12
N ASP B 5 -21.64 -17.83 6.88
CA ASP B 5 -20.65 -18.88 7.15
C ASP B 5 -20.54 -19.81 5.95
N TYR B 6 -19.60 -20.76 6.05
CA TYR B 6 -19.13 -21.54 4.91
C TYR B 6 -18.99 -23.02 5.27
N GLU B 7 -19.96 -23.55 6.03
CA GLU B 7 -19.92 -24.94 6.43
C GLU B 7 -20.74 -25.80 5.46
N ILE B 8 -20.28 -27.03 5.28
CA ILE B 8 -20.79 -27.90 4.22
C ILE B 8 -20.98 -29.31 4.78
N GLN B 9 -22.10 -29.92 4.44
CA GLN B 9 -22.43 -31.27 4.87
C GLN B 9 -21.65 -32.29 4.02
N ARG B 10 -20.86 -33.14 4.68
CA ARG B 10 -20.03 -34.13 4.00
C ARG B 10 -20.84 -34.99 3.03
N GLU B 11 -22.15 -35.15 3.28
CA GLU B 11 -22.98 -35.94 2.38
C GLU B 11 -23.26 -35.24 1.07
N ARG B 12 -22.76 -34.02 0.90
CA ARG B 12 -22.86 -33.30 -0.36
C ARG B 12 -21.52 -33.29 -1.11
N ILE B 13 -20.59 -34.16 -0.74
CA ILE B 13 -19.25 -34.22 -1.31
C ILE B 13 -18.99 -35.65 -1.79
N GLU B 14 -18.52 -35.79 -3.02
CA GLU B 14 -18.20 -37.07 -3.66
C GLU B 14 -16.69 -37.13 -3.86
N LEU B 15 -16.01 -37.95 -3.06
CA LEU B 15 -14.54 -37.96 -3.09
C LEU B 15 -13.99 -38.61 -4.36
N GLY B 16 -12.95 -37.99 -4.91
CA GLY B 16 -12.38 -38.46 -6.16
C GLY B 16 -10.88 -38.75 -6.07
N ARG B 17 -10.22 -38.76 -7.23
CA ARG B 17 -8.82 -39.14 -7.31
C ARG B 17 -7.94 -38.19 -6.49
N CYS B 18 -6.89 -38.74 -5.90
CA CYS B 18 -5.85 -37.92 -5.31
C CYS B 18 -5.07 -37.22 -6.40
N ILE B 19 -4.98 -35.90 -6.31
CA ILE B 19 -4.37 -35.10 -7.38
C ILE B 19 -3.15 -34.34 -6.89
N GLY B 20 -2.67 -34.62 -5.70
CA GLY B 20 -1.56 -33.86 -5.16
C GLY B 20 -1.47 -33.99 -3.66
N GLU B 21 -0.45 -33.35 -3.12
CA GLU B 21 -0.18 -33.33 -1.69
C GLU B 21 0.13 -31.89 -1.31
N GLY B 22 -0.46 -31.43 -0.21
CA GLY B 22 -0.18 -30.13 0.33
C GLY B 22 0.50 -30.21 1.69
N GLN B 23 0.69 -29.03 2.28
CA GLN B 23 1.35 -28.97 3.59
C GLN B 23 0.64 -29.83 4.61
N PHE B 24 -0.69 -29.87 4.56
CA PHE B 24 -1.44 -30.57 5.58
C PHE B 24 -1.79 -32.00 5.21
N GLY B 25 -1.76 -32.34 3.93
CA GLY B 25 -2.12 -33.69 3.54
C GLY B 25 -2.33 -33.80 2.05
N ASP B 26 -2.87 -34.95 1.65
CA ASP B 26 -3.21 -35.20 0.26
C ASP B 26 -4.45 -34.42 -0.14
N VAL B 27 -4.49 -34.04 -1.42
CA VAL B 27 -5.61 -33.29 -1.97
C VAL B 27 -6.39 -34.21 -2.90
N HIS B 28 -7.70 -34.06 -2.87
CA HIS B 28 -8.56 -34.84 -3.74
C HIS B 28 -9.41 -33.93 -4.61
N GLN B 29 -9.75 -34.42 -5.79
CA GLN B 29 -10.79 -33.79 -6.57
C GLN B 29 -12.10 -34.54 -6.31
N GLY B 30 -13.20 -33.91 -6.68
CA GLY B 30 -14.50 -34.48 -6.40
C GLY B 30 -15.58 -33.55 -6.86
N ILE B 31 -16.80 -33.85 -6.46
CA ILE B 31 -17.96 -33.06 -6.86
C ILE B 31 -18.66 -32.54 -5.61
N TYR B 32 -19.07 -31.28 -5.65
CA TYR B 32 -19.88 -30.71 -4.60
C TYR B 32 -21.31 -30.58 -5.12
N MET B 33 -22.27 -31.05 -4.34
CA MET B 33 -23.68 -31.06 -4.74
C MET B 33 -24.51 -30.34 -3.69
N SER B 34 -24.94 -29.11 -4.01
CA SER B 34 -25.84 -28.26 -3.25
C SER B 34 -27.28 -28.51 -3.66
N PRO B 35 -28.26 -28.11 -2.83
CA PRO B 35 -29.66 -28.29 -3.25
C PRO B 35 -30.12 -27.26 -4.29
N GLU B 36 -29.33 -26.21 -4.52
CA GLU B 36 -29.65 -25.15 -5.47
C GLU B 36 -28.71 -25.14 -6.66
N ASN B 37 -27.42 -24.88 -6.43
CA ASN B 37 -26.52 -24.68 -7.53
C ASN B 37 -26.18 -26.01 -8.22
N PRO B 38 -25.89 -25.96 -9.52
CA PRO B 38 -25.47 -27.16 -10.24
C PRO B 38 -24.15 -27.73 -9.74
N ALA B 39 -24.00 -29.02 -9.96
CA ALA B 39 -22.81 -29.73 -9.52
C ALA B 39 -21.54 -29.00 -9.96
N LEU B 40 -20.54 -29.08 -9.10
CA LEU B 40 -19.29 -28.35 -9.25
C LEU B 40 -18.12 -29.29 -9.04
N ALA B 41 -17.16 -29.26 -9.97
CA ALA B 41 -15.88 -29.86 -9.70
C ALA B 41 -15.15 -29.03 -8.65
N VAL B 42 -14.50 -29.70 -7.70
CA VAL B 42 -13.87 -29.01 -6.58
C VAL B 42 -12.63 -29.77 -6.15
N ALA B 43 -11.78 -29.06 -5.41
CA ALA B 43 -10.64 -29.64 -4.70
C ALA B 43 -11.04 -29.89 -3.25
N ILE B 44 -10.44 -30.90 -2.65
CA ILE B 44 -10.70 -31.28 -1.26
C ILE B 44 -9.36 -31.47 -0.56
N LYS B 45 -9.01 -30.54 0.30
CA LYS B 45 -7.78 -30.63 1.07
C LYS B 45 -8.02 -31.45 2.34
N THR B 46 -7.15 -32.41 2.63
CA THR B 46 -7.22 -33.18 3.86
C THR B 46 -6.08 -32.78 4.79
N CYS B 47 -6.12 -33.33 6.01
CA CYS B 47 -5.23 -32.93 7.10
C CYS B 47 -4.94 -34.15 7.97
N LYS B 48 -3.81 -34.82 7.69
CA LYS B 48 -3.53 -36.10 8.35
C LYS B 48 -3.08 -35.96 9.81
N ASN B 49 -2.68 -34.77 10.25
CA ASN B 49 -2.28 -34.55 11.63
C ASN B 49 -3.19 -33.56 12.34
N CYS B 50 -4.47 -33.52 11.96
CA CYS B 50 -5.39 -32.53 12.52
C CYS B 50 -6.03 -32.98 13.81
N THR B 51 -5.74 -34.20 14.29
CA THR B 51 -6.07 -34.56 15.66
C THR B 51 -5.27 -33.75 16.69
N SER B 52 -4.15 -33.15 16.29
CA SER B 52 -3.49 -32.13 17.07
C SER B 52 -4.23 -30.80 16.95
N ASP B 53 -4.37 -30.08 18.07
CA ASP B 53 -5.17 -28.84 18.06
C ASP B 53 -4.43 -27.69 17.40
N SER B 54 -3.11 -27.66 17.53
CA SER B 54 -2.34 -26.58 16.91
C SER B 54 -2.33 -26.74 15.40
N VAL B 55 -2.32 -27.97 14.91
CA VAL B 55 -2.44 -28.19 13.48
C VAL B 55 -3.84 -27.80 13.01
N ARG B 56 -4.86 -28.42 13.62
CA ARG B 56 -6.25 -28.15 13.25
C ARG B 56 -6.56 -26.67 13.21
N GLU B 57 -6.16 -25.94 14.26
CA GLU B 57 -6.26 -24.49 14.27
C GLU B 57 -5.72 -23.89 12.98
N LYS B 58 -4.44 -24.16 12.69
CA LYS B 58 -3.79 -23.62 11.50
C LYS B 58 -4.57 -23.99 10.24
N PHE B 59 -5.00 -25.25 10.13
CA PHE B 59 -5.72 -25.72 8.95
C PHE B 59 -7.06 -24.99 8.78
N LEU B 60 -7.78 -24.77 9.88
CA LEU B 60 -9.06 -24.08 9.79
C LEU B 60 -8.89 -22.58 9.65
N GLN B 61 -7.71 -22.05 9.96
CA GLN B 61 -7.44 -20.64 9.75
C GLN B 61 -7.19 -20.36 8.28
N GLU B 62 -6.64 -21.33 7.56
CA GLU B 62 -6.49 -21.22 6.12
C GLU B 62 -7.84 -21.05 5.45
N ALA B 63 -8.84 -21.83 5.88
CA ALA B 63 -10.21 -21.67 5.39
C ALA B 63 -10.73 -20.26 5.65
N LEU B 64 -10.52 -19.77 6.88
CA LEU B 64 -11.05 -18.48 7.30
C LEU B 64 -10.33 -17.33 6.61
N THR B 65 -9.07 -17.54 6.25
CA THR B 65 -8.36 -16.53 5.48
C THR B 65 -8.90 -16.48 4.05
N MET B 66 -9.16 -17.64 3.45
CA MET B 66 -9.62 -17.69 2.08
C MET B 66 -11.00 -17.06 1.94
N ARG B 67 -11.87 -17.32 2.92
CA ARG B 67 -13.21 -16.75 2.92
C ARG B 67 -13.20 -15.24 2.66
N GLN B 68 -12.13 -14.55 3.06
CA GLN B 68 -12.14 -13.09 2.95
C GLN B 68 -11.87 -12.58 1.54
N PHE B 69 -11.56 -13.44 0.58
CA PHE B 69 -11.06 -12.95 -0.70
C PHE B 69 -11.97 -13.37 -1.81
N ASP B 70 -12.13 -12.47 -2.77
CA ASP B 70 -12.99 -12.73 -3.91
C ASP B 70 -12.35 -12.11 -5.15
N HIS B 71 -11.65 -12.93 -5.91
CA HIS B 71 -10.85 -12.41 -6.99
C HIS B 71 -10.65 -13.47 -8.06
N PRO B 72 -10.73 -13.10 -9.34
CA PRO B 72 -10.61 -14.12 -10.41
C PRO B 72 -9.25 -14.82 -10.45
N HIS B 73 -8.24 -14.30 -9.74
CA HIS B 73 -6.94 -14.96 -9.74
C HIS B 73 -6.50 -15.37 -8.34
N ILE B 74 -7.45 -15.55 -7.42
CA ILE B 74 -7.18 -16.19 -6.15
C ILE B 74 -8.12 -17.38 -6.06
N VAL B 75 -7.58 -18.53 -5.69
CA VAL B 75 -8.43 -19.72 -5.60
C VAL B 75 -9.58 -19.46 -4.63
N LYS B 76 -10.77 -19.89 -5.03
CA LYS B 76 -11.99 -19.52 -4.32
C LYS B 76 -12.35 -20.59 -3.30
N LEU B 77 -12.63 -20.15 -2.09
CA LEU B 77 -13.16 -21.02 -1.05
C LEU B 77 -14.59 -21.44 -1.37
N ILE B 78 -14.89 -22.71 -1.14
CA ILE B 78 -16.23 -23.21 -1.28
C ILE B 78 -16.84 -23.56 0.08
N GLY B 79 -16.08 -24.20 0.96
CA GLY B 79 -16.55 -24.41 2.31
C GLY B 79 -15.63 -25.37 3.05
N VAL B 80 -16.07 -25.72 4.27
CA VAL B 80 -15.30 -26.59 5.16
C VAL B 80 -16.21 -27.61 5.83
N ILE B 81 -15.62 -28.74 6.18
CA ILE B 81 -16.30 -29.81 6.89
C ILE B 81 -15.59 -29.97 8.22
N THR B 82 -16.16 -29.35 9.26
CA THR B 82 -15.44 -29.18 10.51
C THR B 82 -15.28 -30.49 11.27
N GLU B 83 -16.23 -31.42 11.14
CA GLU B 83 -16.13 -32.69 11.86
C GLU B 83 -14.94 -33.49 11.35
N ASN B 84 -14.39 -34.33 12.23
CA ASN B 84 -13.24 -35.11 11.85
C ASN B 84 -13.64 -36.19 10.86
N PRO B 85 -12.83 -36.44 9.82
CA PRO B 85 -11.58 -35.75 9.48
C PRO B 85 -11.85 -34.43 8.77
N VAL B 86 -11.07 -33.39 9.08
CA VAL B 86 -11.34 -32.05 8.59
C VAL B 86 -11.04 -31.94 7.09
N TRP B 87 -11.93 -31.28 6.34
CA TRP B 87 -11.79 -31.07 4.90
C TRP B 87 -12.04 -29.60 4.53
N ILE B 88 -11.20 -29.06 3.65
CA ILE B 88 -11.47 -27.77 3.01
C ILE B 88 -11.82 -28.02 1.54
N ILE B 89 -12.95 -27.46 1.10
CA ILE B 89 -13.41 -27.60 -0.28
C ILE B 89 -13.22 -26.28 -1.00
N MET B 90 -12.47 -26.31 -2.09
CA MET B 90 -12.19 -25.12 -2.87
C MET B 90 -12.41 -25.39 -4.34
N GLU B 91 -12.32 -24.34 -5.13
CA GLU B 91 -12.48 -24.50 -6.55
C GLU B 91 -11.37 -25.36 -7.12
N LEU B 92 -11.72 -26.13 -8.14
CA LEU B 92 -10.76 -27.02 -8.77
C LEU B 92 -10.13 -26.33 -9.96
N CYS B 93 -8.80 -26.38 -10.04
CA CYS B 93 -8.03 -25.80 -11.14
C CYS B 93 -7.41 -26.95 -11.91
N THR B 94 -8.14 -27.42 -12.92
CA THR B 94 -7.87 -28.76 -13.44
C THR B 94 -6.51 -28.90 -14.12
N LEU B 95 -5.82 -27.80 -14.47
CA LEU B 95 -4.52 -27.96 -15.15
C LEU B 95 -3.34 -28.10 -14.19
N GLY B 96 -3.56 -28.03 -12.88
CA GLY B 96 -2.49 -28.33 -11.93
C GLY B 96 -1.64 -27.14 -11.55
N GLU B 97 -0.59 -27.45 -10.78
CA GLU B 97 0.31 -26.42 -10.28
C GLU B 97 1.07 -25.79 -11.43
N LEU B 98 1.48 -24.54 -11.25
CA LEU B 98 2.10 -23.83 -12.35
C LEU B 98 3.48 -24.36 -12.65
N ARG B 99 4.28 -24.64 -11.61
CA ARG B 99 5.62 -25.12 -11.84
C ARG B 99 5.62 -26.28 -12.84
N SER B 100 4.83 -27.31 -12.56
CA SER B 100 4.77 -28.47 -13.43
C SER B 100 4.22 -28.09 -14.79
N PHE B 101 3.21 -27.23 -14.82
CA PHE B 101 2.66 -26.76 -16.08
C PHE B 101 3.74 -26.14 -16.95
N LEU B 102 4.57 -25.26 -16.39
CA LEU B 102 5.61 -24.59 -17.18
C LEU B 102 6.69 -25.56 -17.62
N GLN B 103 7.05 -26.51 -16.76
CA GLN B 103 8.09 -27.47 -17.11
C GLN B 103 7.67 -28.32 -18.29
N VAL B 104 6.39 -28.70 -18.34
CA VAL B 104 5.90 -29.52 -19.45
C VAL B 104 5.88 -28.70 -20.73
N ARG B 105 5.21 -27.54 -20.71
CA ARG B 105 5.07 -26.72 -21.91
C ARG B 105 6.23 -25.75 -22.07
N LYS B 106 7.44 -26.25 -21.89
CA LYS B 106 8.62 -25.43 -22.10
C LYS B 106 8.52 -24.68 -23.43
N TYR B 107 8.50 -25.41 -24.54
CA TYR B 107 8.58 -24.79 -25.86
C TYR B 107 7.21 -24.65 -26.52
N SER B 108 6.13 -24.79 -25.77
CA SER B 108 4.78 -24.56 -26.27
C SER B 108 4.22 -23.21 -25.87
N LEU B 109 4.69 -22.62 -24.77
CA LEU B 109 4.20 -21.33 -24.29
C LEU B 109 5.10 -20.21 -24.77
N ASP B 110 4.51 -19.23 -25.44
CA ASP B 110 5.19 -18.05 -25.94
C ASP B 110 5.37 -17.03 -24.81
N LEU B 111 6.26 -16.06 -25.06
CA LEU B 111 6.59 -15.11 -24.02
C LEU B 111 5.36 -14.30 -23.55
N ALA B 112 4.40 -14.05 -24.44
CA ALA B 112 3.23 -13.28 -24.01
C ALA B 112 2.41 -14.05 -22.99
N SER B 113 2.32 -15.37 -23.15
CA SER B 113 1.61 -16.17 -22.16
C SER B 113 2.29 -16.10 -20.78
N LEU B 114 3.63 -16.20 -20.76
CA LEU B 114 4.36 -16.12 -19.50
C LEU B 114 4.16 -14.78 -18.80
N ILE B 115 4.14 -13.68 -19.57
CA ILE B 115 3.89 -12.36 -18.99
C ILE B 115 2.45 -12.25 -18.53
N LEU B 116 1.53 -12.82 -19.29
CA LEU B 116 0.15 -12.83 -18.84
C LEU B 116 0.00 -13.44 -17.45
N TYR B 117 0.74 -14.52 -17.16
CA TYR B 117 0.63 -15.17 -15.86
C TYR B 117 1.20 -14.30 -14.74
N ALA B 118 2.33 -13.61 -14.99
CA ALA B 118 2.89 -12.74 -13.96
C ALA B 118 2.01 -11.52 -13.74
N TYR B 119 1.59 -10.88 -14.83
CA TYR B 119 0.56 -9.84 -14.71
C TYR B 119 -0.62 -10.32 -13.87
N GLN B 120 -1.18 -11.47 -14.22
CA GLN B 120 -2.35 -11.97 -13.50
C GLN B 120 -2.04 -12.12 -12.01
N LEU B 121 -0.87 -12.67 -11.67
CA LEU B 121 -0.54 -12.82 -10.25
C LEU B 121 -0.39 -11.45 -9.60
N SER B 122 0.17 -10.49 -10.34
CA SER B 122 0.34 -9.16 -9.79
C SER B 122 -1.01 -8.56 -9.43
N THR B 123 -2.04 -8.83 -10.23
CA THR B 123 -3.35 -8.31 -9.85
C THR B 123 -3.86 -9.00 -8.60
N ALA B 124 -3.73 -10.33 -8.53
CA ALA B 124 -4.14 -11.04 -7.31
C ALA B 124 -3.45 -10.45 -6.09
N LEU B 125 -2.18 -10.08 -6.23
CA LEU B 125 -1.39 -9.58 -5.11
C LEU B 125 -1.65 -8.10 -4.86
N ALA B 126 -1.83 -7.30 -5.91
CA ALA B 126 -2.38 -5.96 -5.74
C ALA B 126 -3.64 -6.01 -4.88
N TYR B 127 -4.48 -7.00 -5.12
CA TYR B 127 -5.75 -7.08 -4.40
C TYR B 127 -5.49 -7.41 -2.93
N LEU B 128 -4.60 -8.36 -2.66
CA LEU B 128 -4.28 -8.72 -1.27
C LEU B 128 -3.62 -7.59 -0.52
N GLU B 129 -2.80 -6.81 -1.22
CA GLU B 129 -2.18 -5.64 -0.64
C GLU B 129 -3.26 -4.65 -0.20
N SER B 130 -4.31 -4.48 -1.02
CA SER B 130 -5.34 -3.49 -0.69
C SER B 130 -6.15 -3.92 0.52
N LYS B 131 -6.21 -5.21 0.81
CA LYS B 131 -6.80 -5.67 2.05
C LYS B 131 -5.78 -5.81 3.17
N ARG B 132 -4.56 -5.30 2.99
CA ARG B 132 -3.52 -5.33 4.01
C ARG B 132 -3.17 -6.75 4.43
N PHE B 133 -3.24 -7.68 3.50
CA PHE B 133 -2.87 -9.06 3.77
C PHE B 133 -1.44 -9.35 3.30
N VAL B 134 -0.74 -10.21 4.03
CA VAL B 134 0.61 -10.64 3.66
C VAL B 134 0.57 -12.14 3.44
N HIS B 135 0.99 -12.57 2.26
CA HIS B 135 0.81 -13.95 1.82
C HIS B 135 1.90 -14.86 2.37
N ARG B 136 3.15 -14.47 2.19
CA ARG B 136 4.30 -15.20 2.70
C ARG B 136 4.60 -16.48 1.91
N ASP B 137 4.01 -16.68 0.74
CA ASP B 137 4.41 -17.87 0.00
C ASP B 137 4.12 -17.73 -1.49
N ILE B 138 4.72 -16.73 -2.12
CA ILE B 138 4.59 -16.51 -3.56
C ILE B 138 5.70 -17.31 -4.23
N ALA B 139 5.32 -18.40 -4.89
CA ALA B 139 6.24 -19.25 -5.62
C ALA B 139 5.41 -20.03 -6.61
N ALA B 140 5.99 -20.32 -7.79
CA ALA B 140 5.22 -20.97 -8.85
C ALA B 140 4.53 -22.24 -8.34
N ARG B 141 5.19 -23.03 -7.49
CA ARG B 141 4.58 -24.25 -6.99
C ARG B 141 3.24 -23.99 -6.34
N ASN B 142 3.00 -22.75 -5.92
CA ASN B 142 1.79 -22.35 -5.21
C ASN B 142 0.76 -21.63 -6.07
N VAL B 143 0.95 -21.62 -7.39
CA VAL B 143 0.01 -21.02 -8.32
C VAL B 143 -0.70 -22.14 -9.08
N LEU B 144 -2.02 -22.07 -9.14
CA LEU B 144 -2.80 -23.07 -9.85
C LEU B 144 -3.17 -22.53 -11.23
N VAL B 145 -3.25 -23.45 -12.18
CA VAL B 145 -3.67 -23.16 -13.55
C VAL B 145 -5.11 -23.62 -13.74
N SER B 146 -5.99 -22.70 -14.15
CA SER B 146 -7.35 -23.05 -14.53
C SER B 146 -7.50 -23.26 -16.03
N SER B 147 -6.82 -22.44 -16.82
CA SER B 147 -6.87 -22.63 -18.25
C SER B 147 -5.59 -22.08 -18.81
N ASN B 148 -5.34 -22.38 -20.08
CA ASN B 148 -4.10 -21.90 -20.67
C ASN B 148 -3.92 -20.40 -20.48
N ASP B 149 -5.00 -19.64 -20.26
CA ASP B 149 -4.87 -18.19 -20.09
C ASP B 149 -5.40 -17.68 -18.75
N CYS B 150 -5.46 -18.52 -17.72
CA CYS B 150 -5.95 -18.07 -16.42
C CYS B 150 -5.23 -18.85 -15.33
N VAL B 151 -4.50 -18.15 -14.48
CA VAL B 151 -3.79 -18.76 -13.38
C VAL B 151 -4.32 -18.17 -12.08
N LYS B 152 -4.01 -18.82 -10.96
CA LYS B 152 -4.64 -18.46 -9.70
C LYS B 152 -3.74 -18.72 -8.50
N LEU B 153 -3.59 -17.72 -7.65
CA LEU B 153 -2.72 -17.87 -6.49
C LEU B 153 -3.41 -18.72 -5.44
N GLY B 154 -2.70 -19.72 -4.92
CA GLY B 154 -3.25 -20.72 -4.01
C GLY B 154 -2.96 -20.40 -2.56
N ASP B 155 -2.60 -21.45 -1.80
CA ASP B 155 -2.61 -21.41 -0.35
C ASP B 155 -1.80 -20.25 0.20
N PHE B 156 -2.26 -19.71 1.32
CA PHE B 156 -1.66 -18.53 1.93
C PHE B 156 -0.77 -18.96 3.09
N GLY B 157 0.47 -18.47 3.11
CA GLY B 157 1.36 -18.70 4.24
C GLY B 157 1.72 -20.14 4.49
N LEU B 175 10.68 -24.20 5.14
CA LEU B 175 10.62 -22.77 4.86
C LEU B 175 11.14 -22.47 3.44
N PRO B 176 10.33 -21.78 2.60
CA PRO B 176 10.78 -21.48 1.24
C PRO B 176 11.90 -20.45 1.22
N ILE B 177 13.02 -20.80 1.85
CA ILE B 177 14.15 -19.90 2.06
C ILE B 177 14.61 -19.27 0.74
N LYS B 178 14.65 -20.06 -0.33
CA LYS B 178 15.14 -19.56 -1.60
C LYS B 178 14.25 -18.49 -2.20
N TRP B 179 13.03 -18.34 -1.68
CA TRP B 179 12.10 -17.34 -2.17
C TRP B 179 11.94 -16.15 -1.23
N MET B 180 12.49 -16.22 -0.01
CA MET B 180 12.25 -15.20 1.01
C MET B 180 13.18 -13.99 0.91
N ALA B 181 12.62 -12.82 1.29
CA ALA B 181 13.37 -11.58 1.48
C ALA B 181 14.41 -11.73 2.59
N PRO B 182 15.53 -11.02 2.47
CA PRO B 182 16.57 -11.11 3.53
C PRO B 182 16.06 -10.77 4.91
N GLU B 183 15.12 -9.83 5.04
CA GLU B 183 14.60 -9.50 6.36
C GLU B 183 13.81 -10.66 6.93
N SER B 184 13.36 -11.57 6.07
CA SER B 184 12.58 -12.72 6.52
C SER B 184 13.47 -13.88 6.96
N ILE B 185 14.63 -14.02 6.35
CA ILE B 185 15.61 -15.00 6.79
C ILE B 185 16.35 -14.49 8.03
N ASN B 186 16.56 -13.19 8.11
CA ASN B 186 17.36 -12.62 9.19
C ASN B 186 16.53 -12.42 10.45
N PHE B 187 15.34 -11.84 10.32
CA PHE B 187 14.53 -11.51 11.49
C PHE B 187 13.14 -12.15 11.51
N ARG B 188 12.83 -13.04 10.57
CA ARG B 188 11.46 -13.56 10.39
C ARG B 188 10.42 -12.43 10.30
N ARG B 189 10.82 -11.31 9.70
CA ARG B 189 9.96 -10.16 9.43
C ARG B 189 9.27 -10.35 8.08
N PHE B 190 7.93 -10.34 8.08
CA PHE B 190 7.18 -10.49 6.83
C PHE B 190 6.20 -9.33 6.62
N THR B 191 6.38 -8.62 5.52
CA THR B 191 5.54 -7.49 5.14
C THR B 191 5.17 -7.58 3.67
N SER B 192 4.28 -6.68 3.26
CA SER B 192 4.00 -6.52 1.84
C SER B 192 5.28 -6.35 1.02
N ALA B 193 6.32 -5.75 1.59
CA ALA B 193 7.57 -5.61 0.84
C ALA B 193 8.35 -6.90 0.75
N SER B 194 8.13 -7.83 1.70
CA SER B 194 8.73 -9.16 1.58
C SER B 194 8.03 -9.98 0.50
N ASP B 195 6.70 -9.82 0.41
CA ASP B 195 5.90 -10.46 -0.62
C ASP B 195 6.32 -9.99 -2.00
N VAL B 196 6.63 -8.71 -2.12
CA VAL B 196 7.08 -8.16 -3.39
C VAL B 196 8.40 -8.78 -3.81
N TRP B 197 9.29 -9.02 -2.84
CA TRP B 197 10.51 -9.76 -3.14
C TRP B 197 10.19 -11.18 -3.61
N MET B 198 9.27 -11.88 -2.93
CA MET B 198 8.96 -13.25 -3.34
C MET B 198 8.39 -13.28 -4.75
N PHE B 199 7.48 -12.35 -5.03
CA PHE B 199 6.89 -12.28 -6.35
C PHE B 199 7.95 -12.03 -7.41
N GLY B 200 8.93 -11.19 -7.11
CA GLY B 200 10.09 -11.08 -7.99
C GLY B 200 10.70 -12.43 -8.33
N VAL B 201 10.95 -13.25 -7.30
CA VAL B 201 11.57 -14.55 -7.51
C VAL B 201 10.66 -15.45 -8.30
N CYS B 202 9.35 -15.34 -8.06
CA CYS B 202 8.36 -16.10 -8.80
C CYS B 202 8.30 -15.67 -10.26
N MET B 203 8.52 -14.38 -10.55
CA MET B 203 8.55 -13.93 -11.94
C MET B 203 9.69 -14.61 -12.67
N TRP B 204 10.88 -14.54 -12.09
CA TRP B 204 12.02 -15.29 -12.57
C TRP B 204 11.70 -16.78 -12.73
N GLU B 205 11.04 -17.38 -11.73
CA GLU B 205 10.59 -18.77 -11.84
C GLU B 205 9.82 -18.98 -13.14
N ILE B 206 8.88 -18.08 -13.42
CA ILE B 206 7.97 -18.27 -14.54
C ILE B 206 8.69 -18.10 -15.86
N LEU B 207 9.61 -17.13 -15.95
CA LEU B 207 10.36 -16.95 -17.18
C LEU B 207 11.40 -18.05 -17.41
N MET B 208 11.84 -18.73 -16.35
CA MET B 208 12.73 -19.85 -16.50
C MET B 208 11.98 -21.16 -16.66
N HIS B 209 10.67 -21.11 -16.92
CA HIS B 209 9.83 -22.28 -17.19
C HIS B 209 9.85 -23.29 -16.06
N GLY B 210 9.81 -22.81 -14.81
CA GLY B 210 9.66 -23.70 -13.66
C GLY B 210 10.94 -24.21 -13.01
N VAL B 211 12.11 -23.70 -13.42
CA VAL B 211 13.37 -23.99 -12.73
C VAL B 211 13.34 -23.37 -11.34
N LYS B 212 13.88 -24.08 -10.35
CA LYS B 212 13.93 -23.54 -9.01
C LYS B 212 15.03 -22.48 -8.88
N PRO B 213 14.77 -21.37 -8.19
CA PRO B 213 15.85 -20.44 -7.87
C PRO B 213 16.86 -21.09 -6.92
N PHE B 214 18.11 -20.64 -7.02
CA PHE B 214 19.21 -21.19 -6.21
C PHE B 214 19.30 -22.72 -6.29
N GLN B 215 19.16 -23.26 -7.50
CA GLN B 215 19.18 -24.72 -7.63
C GLN B 215 20.50 -25.27 -7.13
N GLY B 216 20.43 -26.28 -6.27
CA GLY B 216 21.62 -26.89 -5.73
C GLY B 216 22.37 -26.09 -4.68
N VAL B 217 21.81 -24.99 -4.17
CA VAL B 217 22.42 -24.25 -3.06
C VAL B 217 21.84 -24.77 -1.75
N LYS B 218 22.69 -24.99 -0.75
CA LYS B 218 22.20 -25.25 0.60
C LYS B 218 21.48 -24.03 1.15
N ASN B 219 20.30 -24.25 1.76
CA ASN B 219 19.44 -23.15 2.20
C ASN B 219 20.16 -22.17 3.12
N ASN B 220 21.05 -22.67 3.99
CA ASN B 220 21.72 -21.81 4.94
C ASN B 220 22.78 -20.93 4.29
N ASP B 221 23.07 -21.14 3.02
CA ASP B 221 23.98 -20.27 2.29
C ASP B 221 23.26 -19.15 1.53
N VAL B 222 21.92 -19.16 1.54
CA VAL B 222 21.14 -18.25 0.68
C VAL B 222 21.28 -16.80 1.15
N ILE B 223 21.16 -16.56 2.46
CA ILE B 223 21.28 -15.19 2.95
C ILE B 223 22.71 -14.69 2.79
N GLY B 224 23.69 -15.61 2.83
CA GLY B 224 25.05 -15.23 2.51
C GLY B 224 25.17 -14.64 1.11
N ARG B 225 24.63 -15.34 0.12
CA ARG B 225 24.70 -14.85 -1.26
C ARG B 225 23.91 -13.56 -1.46
N ILE B 226 22.76 -13.42 -0.77
CA ILE B 226 21.97 -12.20 -0.90
C ILE B 226 22.74 -10.99 -0.38
N GLU B 227 23.33 -11.11 0.80
CA GLU B 227 24.09 -9.98 1.31
C GLU B 227 25.44 -9.81 0.62
N ASN B 228 25.73 -10.61 -0.41
CA ASN B 228 26.91 -10.34 -1.22
C ASN B 228 26.61 -9.43 -2.39
N GLY B 229 25.34 -9.16 -2.64
CA GLY B 229 24.93 -8.40 -3.80
C GLY B 229 24.47 -9.23 -4.96
N GLU B 230 24.52 -10.57 -4.83
CA GLU B 230 24.12 -11.48 -5.89
C GLU B 230 22.62 -11.43 -6.12
N ARG B 231 22.25 -11.58 -7.37
CA ARG B 231 20.86 -11.73 -7.75
C ARG B 231 20.77 -12.85 -8.77
N LEU B 232 19.55 -13.30 -9.02
CA LEU B 232 19.34 -14.26 -10.07
C LEU B 232 19.69 -13.62 -11.41
N PRO B 233 20.28 -14.37 -12.34
CA PRO B 233 20.69 -13.80 -13.63
C PRO B 233 19.50 -13.58 -14.56
N MET B 234 19.74 -12.79 -15.58
CA MET B 234 18.67 -12.46 -16.51
C MET B 234 18.25 -13.70 -17.29
N PRO B 235 17.00 -14.12 -17.22
CA PRO B 235 16.58 -15.30 -17.96
C PRO B 235 16.66 -15.03 -19.45
N PRO B 236 17.07 -16.03 -20.24
CA PRO B 236 17.12 -15.84 -21.69
C PRO B 236 15.75 -15.54 -22.28
N ASN B 237 15.73 -14.82 -23.40
CA ASN B 237 14.49 -14.26 -23.92
C ASN B 237 13.60 -13.66 -22.85
N CYS B 238 14.18 -12.99 -21.84
CA CYS B 238 13.42 -12.09 -20.98
C CYS B 238 13.69 -10.67 -21.42
N PRO B 239 12.68 -9.86 -21.75
CA PRO B 239 12.97 -8.49 -22.16
C PRO B 239 13.69 -7.75 -21.05
N PRO B 240 14.63 -6.87 -21.38
CA PRO B 240 15.43 -6.23 -20.33
C PRO B 240 14.62 -5.31 -19.41
N THR B 241 13.51 -4.71 -19.86
CA THR B 241 12.76 -3.89 -18.92
C THR B 241 11.97 -4.75 -17.96
N LEU B 242 11.61 -5.97 -18.37
CA LEU B 242 11.05 -6.93 -17.43
C LEU B 242 12.07 -7.40 -16.41
N TYR B 243 13.31 -7.70 -16.84
CA TYR B 243 14.34 -8.07 -15.87
C TYR B 243 14.66 -6.91 -14.94
N SER B 244 14.71 -5.70 -15.48
CA SER B 244 14.80 -4.52 -14.64
C SER B 244 13.71 -4.49 -13.58
N LEU B 245 12.48 -4.88 -13.95
CA LEU B 245 11.41 -4.92 -12.96
C LEU B 245 11.71 -5.92 -11.85
N MET B 246 12.13 -7.13 -12.21
CA MET B 246 12.45 -8.11 -11.16
C MET B 246 13.46 -7.57 -10.17
N THR B 247 14.52 -6.92 -10.66
CA THR B 247 15.57 -6.40 -9.79
C THR B 247 15.03 -5.33 -8.85
N LYS B 248 14.00 -4.61 -9.26
CA LYS B 248 13.38 -3.66 -8.33
C LYS B 248 12.79 -4.39 -7.13
N CYS B 249 12.14 -5.53 -7.37
CA CYS B 249 11.58 -6.28 -6.25
C CYS B 249 12.67 -6.80 -5.32
N TRP B 250 13.92 -6.83 -5.77
CA TRP B 250 15.02 -7.41 -5.01
C TRP B 250 15.89 -6.35 -4.34
N ALA B 251 15.39 -5.13 -4.20
CA ALA B 251 16.10 -4.17 -3.37
C ALA B 251 16.34 -4.80 -2.01
N TYR B 252 17.58 -4.68 -1.51
CA TYR B 252 17.89 -5.17 -0.18
C TYR B 252 17.12 -4.40 0.88
N ASP B 253 17.03 -3.08 0.72
CA ASP B 253 16.25 -2.23 1.62
C ASP B 253 14.77 -2.36 1.25
N PRO B 254 13.92 -2.98 2.08
CA PRO B 254 12.52 -3.19 1.65
C PRO B 254 11.76 -1.89 1.41
N SER B 255 12.19 -0.77 2.01
CA SER B 255 11.43 0.46 1.80
C SER B 255 11.63 1.02 0.40
N ARG B 256 12.56 0.47 -0.37
CA ARG B 256 12.70 0.87 -1.77
C ARG B 256 12.20 -0.20 -2.73
N ARG B 257 11.58 -1.28 -2.24
CA ARG B 257 10.85 -2.11 -3.21
C ARG B 257 9.53 -1.45 -3.59
N PRO B 258 9.08 -1.62 -4.83
CA PRO B 258 7.76 -1.08 -5.26
C PRO B 258 6.57 -1.80 -4.61
N ARG B 259 5.39 -1.20 -4.78
CA ARG B 259 4.14 -1.82 -4.36
C ARG B 259 3.54 -2.64 -5.50
N PHE B 260 2.68 -3.62 -5.13
CA PHE B 260 2.02 -4.41 -6.19
C PHE B 260 1.20 -3.53 -7.11
N THR B 261 0.74 -2.37 -6.64
CA THR B 261 -0.10 -1.52 -7.48
C THR B 261 0.68 -1.03 -8.68
N GLU B 262 1.97 -0.76 -8.47
CA GLU B 262 2.85 -0.27 -9.53
C GLU B 262 3.36 -1.41 -10.42
N LEU B 263 3.62 -2.57 -9.83
CA LEU B 263 4.02 -3.73 -10.65
C LEU B 263 2.90 -4.14 -11.58
N LYS B 264 1.66 -4.13 -11.07
CA LYS B 264 0.51 -4.39 -11.93
C LYS B 264 0.50 -3.41 -13.12
N ALA B 265 0.66 -2.10 -12.85
CA ALA B 265 0.67 -1.12 -13.93
C ALA B 265 1.77 -1.42 -14.95
N GLN B 266 2.98 -1.72 -14.47
CA GLN B 266 4.09 -1.91 -15.40
C GLN B 266 3.97 -3.22 -16.17
N LEU B 267 3.56 -4.31 -15.49
CA LEU B 267 3.33 -5.57 -16.20
C LEU B 267 2.26 -5.41 -17.28
N SER B 268 1.21 -4.65 -16.99
CA SER B 268 0.19 -4.36 -18.00
C SER B 268 0.82 -3.81 -19.27
N THR B 269 1.63 -2.77 -19.14
CA THR B 269 2.22 -2.16 -20.31
C THR B 269 3.16 -3.14 -21.02
N ILE B 270 3.92 -3.90 -20.25
CA ILE B 270 4.83 -4.83 -20.89
C ILE B 270 4.05 -5.93 -21.58
N LEU B 271 2.95 -6.37 -20.98
CA LEU B 271 2.13 -7.40 -21.63
C LEU B 271 1.56 -6.87 -22.94
N GLU B 272 0.99 -5.65 -22.92
CA GLU B 272 0.35 -5.10 -24.11
C GLU B 272 1.35 -4.99 -25.25
N GLU B 273 2.58 -4.64 -24.95
CA GLU B 273 3.57 -4.53 -26.03
C GLU B 273 4.00 -5.90 -26.53
N GLU B 274 4.00 -6.92 -25.67
CA GLU B 274 4.31 -8.26 -26.16
C GLU B 274 3.18 -8.80 -27.02
N LYS B 275 1.93 -8.54 -26.64
CA LYS B 275 0.79 -9.02 -27.43
C LYS B 275 0.88 -8.50 -28.87
N ALA B 276 0.99 -7.18 -29.03
CA ALA B 276 1.12 -6.62 -30.38
C ALA B 276 2.29 -7.24 -31.16
S SO4 C . 6.72 38.76 -3.45
O1 SO4 C . 6.15 39.92 -4.16
O2 SO4 C . 6.62 37.58 -4.29
O3 SO4 C . 8.11 39.07 -3.14
O4 SO4 C . 6.01 38.53 -2.21
S SO4 D . 9.82 3.18 -4.26
O1 SO4 D . 10.20 2.07 -5.14
O2 SO4 D . 9.03 4.14 -5.05
O3 SO4 D . 8.99 2.69 -3.15
O4 SO4 D . 11.02 3.80 -3.69
S SO4 E . -11.95 9.77 15.94
O1 SO4 E . -12.18 8.34 15.85
O2 SO4 E . -13.24 10.46 15.79
O3 SO4 E . -11.37 10.06 17.25
O4 SO4 E . -10.98 10.17 14.91
S SO4 F . -9.51 -3.47 4.34
O1 SO4 F . -8.05 -3.33 4.24
O2 SO4 F . -10.01 -4.78 3.89
O3 SO4 F . -9.82 -3.28 5.76
O4 SO4 F . -10.19 -2.45 3.53
C2 A1JNJ G . 3.51 28.18 8.33
C7 A1JNJ G . 3.85 28.26 4.11
C9 A1JNJ G . 4.37 27.30 6.13
C10 A1JNJ G . 4.01 28.27 2.62
C11 A1JNJ G . 4.92 27.58 1.86
C14 A1JNJ G . 3.23 28.97 1.68
C4 A1JNJ G . 3.62 28.22 6.84
C5 A1JNJ G . 2.97 29.20 6.11
C6 A1JNJ G . 3.08 29.24 4.73
N12 A1JNJ G . 4.68 27.87 0.57
N13 A1JNJ G . 3.63 28.72 0.44
N8 A1JNJ G . 4.50 27.31 4.80
O1 A1JNJ G . 4.07 27.21 8.91
O3 A1JNJ G . 2.87 29.09 8.91
H9 A1JNJ G . 4.85 26.58 6.59
H11 A1JNJ G . 5.65 26.97 2.11
H14 A1JNJ G . 2.47 29.58 1.83
H5 A1JNJ G . 2.43 29.88 6.58
H6 A1JNJ G . 2.62 29.94 4.23
H12 A1JNJ G . 5.10 27.59 -0.16
S SO4 H . 17.82 -12.67 -5.49
O1 SO4 H . 18.25 -12.06 -6.74
O2 SO4 H . 16.38 -12.74 -5.38
O3 SO4 H . 18.33 -14.02 -5.38
O4 SO4 H . 18.36 -11.88 -4.39
S SO4 I . 2.71 -1.60 4.83
O1 SO4 I . 4.03 -2.05 5.25
O2 SO4 I . 2.14 -2.66 3.98
O3 SO4 I . 1.85 -1.32 5.99
O4 SO4 I . 2.81 -0.37 4.05
#